data_7TMC
#
_entry.id   7TMC
#
_cell.length_a   1.00
_cell.length_b   1.00
_cell.length_c   1.00
_cell.angle_alpha   90.00
_cell.angle_beta   90.00
_cell.angle_gamma   90.00
#
_symmetry.space_group_name_H-M   'P 1'
#
loop_
_entity.id
_entity.type
_entity.pdbx_description
1 polymer 'Transmembrane protein 106B'
2 non-polymer 2-acetamido-2-deoxy-beta-D-glucopyranose
#
_entity_poly.entity_id   1
_entity_poly.type   'polypeptide(L)'
_entity_poly.pdbx_seq_one_letter_code
;MGKSLSHLPLHSSKEDAYDGVTSENMRNGLVNSEVHNEDGRNGDVSQFPYVEFTGRDSVTCPTCQGTGRIPRGQENQLVA
LIPYSDQRLRPRRTKLYVMASVFVCLLLSGLAVFFLFPRSIDVKYIGVKSAYVSYDVQKRTIYLNITNTLNITNNNYYSV
EVENITAQVQFSKTVIGKARLNNITIIGPLDMKQIDYTVPTVIAEEMSYMYDFCTLISIKVHNIVLMMQVTVTTTYFGHS
EQISQERYQYVDCGRNTTYQLGQSEYLNVLQPQQ
;
_entity_poly.pdbx_strand_id   A,B,C
#
loop_
_chem_comp.id
_chem_comp.type
_chem_comp.name
_chem_comp.formula
NAG D-saccharide, beta linking 2-acetamido-2-deoxy-beta-D-glucopyranose 'C8 H15 N O6'
#
# COMPACT_ATOMS: atom_id res chain seq x y z
N SER A 120 -7.04 -10.26 -5.63
CA SER A 120 -6.81 -10.51 -7.05
C SER A 120 -8.08 -10.95 -7.76
N ILE A 121 -9.05 -11.44 -6.99
CA ILE A 121 -10.29 -11.97 -7.54
C ILE A 121 -11.49 -11.14 -7.12
N ASP A 122 -11.61 -10.84 -5.82
CA ASP A 122 -12.81 -10.20 -5.30
C ASP A 122 -12.41 -9.06 -4.36
N VAL A 123 -11.56 -8.16 -4.86
CA VAL A 123 -11.12 -7.01 -4.08
C VAL A 123 -12.20 -5.93 -4.13
N LYS A 124 -12.66 -5.49 -2.98
CA LYS A 124 -13.67 -4.43 -2.90
C LYS A 124 -13.30 -3.43 -1.81
N TYR A 125 -13.73 -2.19 -2.02
CA TYR A 125 -13.63 -1.13 -1.02
C TYR A 125 -15.03 -0.65 -0.72
N ILE A 126 -15.48 -0.84 0.52
CA ILE A 126 -16.84 -0.53 0.93
C ILE A 126 -16.79 0.68 1.85
N GLY A 127 -17.64 1.67 1.58
CA GLY A 127 -17.59 2.91 2.36
C GLY A 127 -18.23 2.77 3.72
N VAL A 128 -19.50 2.36 3.77
CA VAL A 128 -20.22 2.28 5.03
C VAL A 128 -20.78 0.89 5.25
N LYS A 129 -21.65 0.43 4.35
CA LYS A 129 -22.41 -0.79 4.55
C LYS A 129 -22.14 -1.78 3.43
N SER A 130 -21.92 -3.04 3.80
CA SER A 130 -21.81 -4.13 2.85
C SER A 130 -22.62 -5.31 3.37
N ALA A 131 -23.47 -5.87 2.52
CA ALA A 131 -24.32 -6.97 2.93
C ALA A 131 -24.74 -7.78 1.72
N TYR A 132 -25.17 -9.01 1.97
CA TYR A 132 -25.72 -9.85 0.91
C TYR A 132 -27.23 -9.65 0.77
N VAL A 133 -27.96 -9.83 1.87
CA VAL A 133 -29.39 -9.54 1.92
C VAL A 133 -29.64 -8.72 3.18
N SER A 134 -29.95 -7.44 3.00
CA SER A 134 -30.09 -6.51 4.12
C SER A 134 -31.47 -5.87 4.08
N TYR A 135 -32.27 -6.12 5.12
CA TYR A 135 -33.51 -5.39 5.33
C TYR A 135 -33.29 -4.23 6.30
N ASP A 136 -32.40 -3.33 5.90
CA ASP A 136 -31.98 -2.22 6.74
C ASP A 136 -33.18 -1.31 7.02
N VAL A 137 -33.28 -0.87 8.27
CA VAL A 137 -34.28 0.08 8.72
C VAL A 137 -33.54 1.21 9.42
N GLN A 138 -34.10 2.41 9.35
CA GLN A 138 -33.44 3.62 9.86
C GLN A 138 -34.40 4.39 10.76
N LYS A 139 -34.14 5.68 10.92
CA LYS A 139 -34.78 6.49 11.95
C LYS A 139 -36.30 6.57 11.78
N ARG A 140 -37.02 6.32 12.89
CA ARG A 140 -38.41 6.70 13.09
C ARG A 140 -39.34 5.98 12.09
N THR A 141 -39.28 4.66 12.01
CA THR A 141 -40.09 4.02 10.99
C THR A 141 -41.11 3.08 11.60
N ILE A 142 -42.03 2.63 10.74
CA ILE A 142 -43.13 1.75 11.12
C ILE A 142 -43.01 0.51 10.24
N TYR A 143 -42.65 -0.60 10.87
CA TYR A 143 -42.42 -1.88 10.20
C TYR A 143 -43.52 -2.80 10.76
N LEU A 144 -44.68 -2.78 10.12
CA LEU A 144 -45.92 -3.13 10.80
C LEU A 144 -46.37 -4.57 10.57
N ASN A 145 -46.70 -4.94 9.34
CA ASN A 145 -47.18 -6.29 9.06
C ASN A 145 -46.53 -6.86 7.80
N ILE A 146 -45.21 -6.85 7.73
CA ILE A 146 -44.51 -7.39 6.58
C ILE A 146 -44.29 -8.89 6.81
N THR A 147 -44.16 -9.63 5.71
CA THR A 147 -44.12 -11.09 5.71
C THR A 147 -42.87 -11.58 4.97
N ASN A 148 -41.71 -11.09 5.43
CA ASN A 148 -40.44 -11.37 4.77
C ASN A 148 -40.21 -12.87 4.63
N THR A 149 -39.69 -13.27 3.47
CA THR A 149 -39.42 -14.67 3.17
C THR A 149 -38.20 -14.76 2.26
N LEU A 150 -37.31 -15.70 2.55
CA LEU A 150 -36.08 -15.86 1.80
C LEU A 150 -35.90 -17.31 1.37
N ASN A 151 -35.11 -17.51 0.31
CA ASN A 151 -34.73 -18.84 -0.13
C ASN A 151 -33.45 -18.67 -0.96
N ILE A 152 -32.32 -19.01 -0.36
CA ILE A 152 -31.01 -18.65 -0.89
C ILE A 152 -30.17 -19.89 -1.09
N THR A 153 -29.52 -19.98 -2.26
CA THR A 153 -28.53 -21.01 -2.55
C THR A 153 -27.34 -20.33 -3.19
N ASN A 154 -26.20 -20.33 -2.51
CA ASN A 154 -25.05 -19.50 -2.87
C ASN A 154 -23.77 -20.34 -2.90
N ASN A 155 -23.82 -21.47 -3.62
CA ASN A 155 -22.64 -22.32 -3.72
C ASN A 155 -21.53 -21.61 -4.49
N ASN A 156 -20.33 -21.60 -3.92
CA ASN A 156 -19.16 -20.97 -4.52
C ASN A 156 -18.03 -21.98 -4.60
N TYR A 157 -17.38 -22.04 -5.75
CA TYR A 157 -16.27 -22.97 -5.98
C TYR A 157 -15.06 -22.18 -6.46
N TYR A 158 -14.00 -22.17 -5.66
CA TYR A 158 -12.76 -21.51 -6.03
C TYR A 158 -11.68 -22.55 -6.26
N SER A 159 -11.02 -22.47 -7.41
CA SER A 159 -9.88 -23.32 -7.76
C SER A 159 -8.70 -22.44 -8.14
N VAL A 160 -8.42 -21.46 -7.30
CA VAL A 160 -7.57 -20.33 -7.69
C VAL A 160 -6.11 -20.74 -7.81
N GLU A 161 -5.51 -20.32 -8.92
CA GLU A 161 -4.11 -20.56 -9.34
C GLU A 161 -3.55 -21.89 -8.81
N VAL A 162 -4.18 -22.99 -9.24
CA VAL A 162 -3.61 -24.32 -9.04
C VAL A 162 -2.62 -24.58 -10.17
N GLU A 163 -1.45 -25.14 -9.83
CA GLU A 163 -0.40 -25.35 -10.81
C GLU A 163 -0.42 -26.80 -11.29
N ASN A 164 0.24 -27.01 -12.42
CA ASN A 164 0.36 -28.33 -13.05
C ASN A 164 1.70 -28.33 -13.77
N ILE A 165 2.76 -28.77 -13.08
CA ILE A 165 4.12 -28.59 -13.55
C ILE A 165 4.85 -29.92 -13.52
N THR A 166 5.63 -30.19 -14.57
CA THR A 166 6.48 -31.37 -14.66
C THR A 166 7.94 -31.06 -14.36
N ALA A 167 8.43 -29.89 -14.77
CA ALA A 167 9.82 -29.53 -14.50
C ALA A 167 9.93 -28.02 -14.42
N GLN A 168 10.99 -27.57 -13.73
CA GLN A 168 11.29 -26.15 -13.59
C GLN A 168 12.73 -25.99 -13.12
N VAL A 169 13.47 -25.10 -13.78
CA VAL A 169 14.89 -24.91 -13.50
C VAL A 169 15.18 -23.41 -13.49
N GLN A 170 15.90 -22.96 -12.46
CA GLN A 170 16.39 -21.59 -12.37
C GLN A 170 17.92 -21.65 -12.32
N PHE A 171 18.56 -21.41 -13.45
CA PHE A 171 19.99 -21.57 -13.60
C PHE A 171 20.66 -20.21 -13.70
N SER A 172 21.79 -20.05 -13.00
CA SER A 172 22.57 -18.83 -13.07
C SER A 172 24.03 -19.17 -12.81
N LYS A 173 24.88 -18.94 -13.81
CA LYS A 173 26.29 -19.28 -13.72
C LYS A 173 27.12 -18.08 -14.15
N THR A 174 28.25 -17.88 -13.46
CA THR A 174 29.18 -16.82 -13.78
C THR A 174 30.57 -17.41 -13.83
N VAL A 175 31.15 -17.52 -15.02
CA VAL A 175 32.45 -18.14 -15.23
C VAL A 175 33.46 -17.06 -15.53
N ILE A 176 34.55 -17.03 -14.76
CA ILE A 176 35.65 -16.11 -14.98
C ILE A 176 36.90 -16.94 -15.22
N GLY A 177 37.96 -16.29 -15.69
CA GLY A 177 39.23 -16.98 -15.88
C GLY A 177 40.18 -16.25 -16.80
N LYS A 178 41.45 -16.17 -16.41
CA LYS A 178 42.46 -15.41 -17.14
C LYS A 178 41.98 -13.97 -17.40
N ALA A 179 41.09 -13.48 -16.56
CA ALA A 179 40.43 -12.20 -16.77
C ALA A 179 41.01 -11.16 -15.82
N ARG A 180 41.42 -10.03 -16.38
CA ARG A 180 41.97 -8.92 -15.61
C ARG A 180 41.05 -7.71 -15.65
N LEU A 181 40.57 -7.32 -14.47
CA LEU A 181 39.48 -6.35 -14.34
C LEU A 181 39.96 -5.20 -13.45
N ASN A 182 39.76 -3.97 -13.91
CA ASN A 182 40.08 -2.78 -13.14
C ASN A 182 38.87 -2.37 -12.30
N ASN A 183 38.86 -1.12 -11.85
CA ASN A 183 37.80 -0.56 -11.02
C ASN A 183 36.43 -0.99 -11.53
N ILE A 184 35.62 -1.55 -10.64
CA ILE A 184 34.25 -1.93 -10.98
C ILE A 184 33.33 -1.48 -9.87
N THR A 185 32.23 -0.84 -10.22
CA THR A 185 31.26 -0.33 -9.27
C THR A 185 29.85 -0.55 -9.79
N ILE A 186 29.08 -1.38 -9.08
CA ILE A 186 27.68 -1.65 -9.41
C ILE A 186 26.87 -1.27 -8.17
N ILE A 187 26.20 -0.11 -8.21
CA ILE A 187 25.63 0.41 -6.98
C ILE A 187 24.13 0.13 -6.98
N GLY A 188 23.53 0.14 -5.80
CA GLY A 188 22.22 -0.43 -5.59
C GLY A 188 21.10 0.39 -6.20
N PRO A 189 19.88 -0.09 -6.03
CA PRO A 189 18.75 0.50 -6.76
C PRO A 189 18.23 1.83 -6.23
N LEU A 190 18.85 2.41 -5.19
CA LEU A 190 18.64 3.82 -4.86
C LEU A 190 19.75 4.32 -3.96
N ASP A 191 20.52 5.28 -4.45
CA ASP A 191 21.59 5.91 -3.69
C ASP A 191 21.20 7.36 -3.40
N MET A 192 21.55 7.81 -2.20
CA MET A 192 21.34 9.21 -1.82
C MET A 192 22.70 9.80 -1.49
N LYS A 193 23.05 10.89 -2.16
CA LYS A 193 24.37 11.50 -2.02
C LYS A 193 24.23 13.01 -1.89
N GLN A 194 24.85 13.56 -0.85
CA GLN A 194 24.93 15.00 -0.62
C GLN A 194 23.55 15.67 -0.69
N ILE A 195 22.60 15.14 0.05
CA ILE A 195 21.27 15.74 0.11
C ILE A 195 21.19 16.63 1.35
N ASP A 196 21.00 17.92 1.14
CA ASP A 196 20.98 18.89 2.22
C ASP A 196 19.58 19.46 2.36
N TYR A 197 19.02 19.35 3.56
CA TYR A 197 17.79 20.03 3.93
C TYR A 197 18.17 21.18 4.85
N THR A 198 17.84 22.40 4.43
CA THR A 198 18.36 23.64 5.01
C THR A 198 17.24 24.62 5.27
N VAL A 199 16.27 24.21 6.08
CA VAL A 199 15.11 25.04 6.39
C VAL A 199 15.22 25.67 7.78
N PRO A 200 15.79 26.87 7.91
CA PRO A 200 15.65 27.61 9.16
C PRO A 200 14.20 28.03 9.41
N THR A 201 13.97 28.62 10.59
CA THR A 201 12.69 29.24 10.90
C THR A 201 12.96 30.27 12.00
N VAL A 202 13.01 31.54 11.60
CA VAL A 202 13.38 32.63 12.49
C VAL A 202 12.17 33.52 12.68
N ILE A 203 11.78 33.73 13.94
CA ILE A 203 10.66 34.59 14.29
C ILE A 203 11.20 35.68 15.20
N ALA A 204 10.99 36.94 14.81
CA ALA A 204 11.35 38.09 15.62
C ALA A 204 10.09 38.88 15.92
N GLU A 205 9.90 39.26 17.17
CA GLU A 205 8.66 39.89 17.59
C GLU A 205 8.92 40.88 18.72
N GLU A 206 8.88 42.16 18.40
CA GLU A 206 9.04 43.22 19.40
C GLU A 206 7.68 43.89 19.63
N MET A 207 7.18 43.79 20.86
CA MET A 207 5.95 44.48 21.28
C MET A 207 4.78 44.15 20.36
N SER A 208 4.64 42.88 20.01
CA SER A 208 3.65 42.48 19.02
C SER A 208 2.83 41.30 19.54
N TYR A 209 1.74 41.01 18.85
CA TYR A 209 0.85 39.92 19.20
C TYR A 209 0.88 38.88 18.08
N MET A 210 1.08 37.62 18.45
CA MET A 210 1.17 36.54 17.49
C MET A 210 0.30 35.38 17.96
N TYR A 211 -0.39 34.74 17.00
CA TYR A 211 -1.33 33.67 17.29
C TYR A 211 -1.12 32.57 16.24
N ASP A 212 -0.65 31.42 16.67
CA ASP A 212 -0.43 30.29 15.77
C ASP A 212 -1.32 29.13 16.21
N PHE A 213 -2.15 28.65 15.29
CA PHE A 213 -2.98 27.47 15.55
C PHE A 213 -3.08 26.65 14.28
N CYS A 214 -2.97 25.33 14.43
CA CYS A 214 -2.78 24.39 13.32
C CYS A 214 -1.56 24.78 12.49
N THR A 215 -0.49 25.17 13.19
CA THR A 215 0.78 25.50 12.57
C THR A 215 1.70 24.30 12.64
N LEU A 216 2.18 23.83 11.50
CA LEU A 216 3.03 22.66 11.48
C LEU A 216 4.00 22.75 10.31
N ILE A 217 5.25 22.39 10.57
CA ILE A 217 6.29 22.29 9.55
C ILE A 217 6.75 20.84 9.49
N SER A 218 6.55 20.20 8.34
CA SER A 218 6.87 18.79 8.17
C SER A 218 8.02 18.67 7.18
N ILE A 219 8.91 17.71 7.43
CA ILE A 219 10.00 17.44 6.51
C ILE A 219 9.66 16.07 5.93
N LYS A 220 10.52 15.52 5.08
CA LYS A 220 10.34 14.19 4.49
C LYS A 220 9.64 13.23 5.42
N VAL A 221 8.56 12.63 4.94
CA VAL A 221 7.70 11.77 5.75
C VAL A 221 6.92 10.84 4.84
N HIS A 222 6.83 9.57 5.24
CA HIS A 222 6.12 8.55 4.49
C HIS A 222 5.13 7.85 5.40
N ASN A 223 4.07 7.32 4.79
CA ASN A 223 3.06 6.54 5.50
C ASN A 223 3.11 5.07 5.11
N ILE A 224 3.16 4.77 3.81
CA ILE A 224 3.21 3.41 3.30
C ILE A 224 4.51 3.26 2.53
N VAL A 225 5.32 2.28 2.91
CA VAL A 225 6.56 1.97 2.21
C VAL A 225 6.63 0.46 2.05
N LEU A 226 6.40 -0.01 0.83
CA LEU A 226 6.42 -1.44 0.52
C LEU A 226 7.36 -1.66 -0.66
N MET A 227 8.29 -2.59 -0.52
CA MET A 227 9.24 -2.92 -1.57
C MET A 227 9.41 -4.43 -1.64
N MET A 228 9.39 -4.97 -2.86
CA MET A 228 9.68 -6.37 -3.10
C MET A 228 10.61 -6.49 -4.29
N GLN A 229 11.54 -7.45 -4.21
CA GLN A 229 12.51 -7.71 -5.28
C GLN A 229 13.29 -6.45 -5.63
N VAL A 230 13.79 -5.76 -4.61
CA VAL A 230 14.65 -4.61 -4.80
C VAL A 230 16.10 -5.06 -4.63
N THR A 231 16.72 -5.46 -5.73
CA THR A 231 18.05 -6.06 -5.71
C THR A 231 18.83 -5.50 -6.90
N VAL A 232 19.89 -6.20 -7.31
CA VAL A 232 20.49 -5.96 -8.61
C VAL A 232 20.18 -7.10 -9.58
N THR A 233 20.41 -8.35 -9.16
CA THR A 233 20.08 -9.50 -9.97
C THR A 233 19.02 -10.34 -9.27
N THR A 234 17.99 -10.72 -10.02
CA THR A 234 16.86 -11.44 -9.45
C THR A 234 16.29 -12.38 -10.50
N THR A 235 15.99 -13.61 -10.08
CA THR A 235 15.26 -14.58 -10.90
C THR A 235 14.00 -14.95 -10.14
N TYR A 236 12.85 -14.82 -10.80
CA TYR A 236 11.55 -14.98 -10.14
C TYR A 236 10.85 -16.22 -10.67
N PHE A 237 9.95 -16.76 -9.87
CA PHE A 237 8.91 -17.67 -10.32
C PHE A 237 7.84 -17.73 -9.25
N GLY A 238 6.64 -17.25 -9.57
CA GLY A 238 5.57 -17.29 -8.60
C GLY A 238 4.45 -16.31 -8.85
N HIS A 239 4.02 -15.63 -7.79
CA HIS A 239 2.84 -14.79 -7.85
C HIS A 239 2.94 -13.77 -6.73
N SER A 240 3.11 -12.51 -7.08
CA SER A 240 3.37 -11.44 -6.12
C SER A 240 2.27 -10.39 -6.18
N GLU A 241 1.80 -9.96 -5.01
CA GLU A 241 0.74 -8.97 -4.93
C GLU A 241 1.07 -7.93 -3.88
N GLN A 242 0.53 -6.73 -4.08
CA GLN A 242 0.56 -5.68 -3.07
C GLN A 242 -0.80 -5.00 -3.08
N ILE A 243 -1.50 -5.04 -1.95
CA ILE A 243 -2.83 -4.45 -1.82
C ILE A 243 -2.79 -3.43 -0.70
N SER A 244 -3.30 -2.23 -0.96
CA SER A 244 -3.33 -1.16 0.04
C SER A 244 -4.71 -0.52 0.02
N GLN A 245 -5.41 -0.58 1.15
CA GLN A 245 -6.72 0.02 1.31
C GLN A 245 -6.71 0.85 2.58
N GLU A 246 -7.11 2.12 2.47
CA GLU A 246 -7.07 2.99 3.64
C GLU A 246 -8.17 4.03 3.54
N ARG A 247 -8.17 4.93 4.52
CA ARG A 247 -8.98 6.14 4.50
C ARG A 247 -8.05 7.24 4.99
N TYR A 248 -7.32 7.85 4.07
CA TYR A 248 -6.27 8.79 4.42
C TYR A 248 -6.85 10.12 4.87
N GLN A 249 -6.25 10.69 5.92
CA GLN A 249 -6.68 12.00 6.42
C GLN A 249 -5.47 12.62 7.12
N TYR A 250 -4.80 13.55 6.43
CA TYR A 250 -3.55 14.11 6.93
C TYR A 250 -3.81 15.20 7.97
N VAL A 251 -4.45 16.29 7.57
CA VAL A 251 -4.67 17.42 8.46
C VAL A 251 -6.16 17.70 8.55
N ASP A 252 -6.69 17.68 9.77
CA ASP A 252 -8.09 18.00 10.04
C ASP A 252 -8.16 18.81 11.32
N CYS A 253 -8.05 20.13 11.21
CA CYS A 253 -8.07 21.01 12.36
C CYS A 253 -9.20 22.03 12.21
N GLY A 254 -10.32 21.76 12.89
CA GLY A 254 -11.47 22.64 12.86
C GLY A 254 -12.74 21.99 13.37
N SER B 120 -5.81 -12.18 -1.31
CA SER B 120 -5.59 -12.43 -2.73
C SER B 120 -6.86 -12.86 -3.43
N ILE B 121 -7.83 -13.34 -2.65
CA ILE B 121 -9.07 -13.87 -3.20
C ILE B 121 -10.27 -13.03 -2.78
N ASP B 122 -10.39 -12.73 -1.49
CA ASP B 122 -11.58 -12.08 -0.95
C ASP B 122 -11.16 -10.94 -0.02
N VAL B 123 -10.32 -10.05 -0.53
CA VAL B 123 -9.87 -8.89 0.25
C VAL B 123 -10.94 -7.81 0.19
N LYS B 124 -11.40 -7.36 1.36
CA LYS B 124 -12.40 -6.30 1.42
C LYS B 124 -12.02 -5.31 2.52
N TYR B 125 -12.45 -4.07 2.30
CA TYR B 125 -12.35 -3.00 3.30
C TYR B 125 -13.75 -2.51 3.60
N ILE B 126 -14.19 -2.70 4.85
CA ILE B 126 -15.54 -2.37 5.26
C ILE B 126 -15.49 -1.16 6.18
N GLY B 127 -16.34 -0.17 5.91
CA GLY B 127 -16.27 1.06 6.68
C GLY B 127 -16.91 0.94 8.05
N VAL B 128 -18.17 0.53 8.10
CA VAL B 128 -18.90 0.47 9.36
C VAL B 128 -19.47 -0.93 9.60
N LYS B 129 -20.34 -1.38 8.70
CA LYS B 129 -21.10 -2.61 8.90
C LYS B 129 -20.84 -3.59 7.77
N SER B 130 -20.62 -4.85 8.15
CA SER B 130 -20.52 -5.95 7.20
C SER B 130 -21.34 -7.12 7.73
N ALA B 131 -22.20 -7.67 6.88
CA ALA B 131 -23.06 -8.77 7.31
C ALA B 131 -23.48 -9.58 6.09
N TYR B 132 -23.92 -10.81 6.35
CA TYR B 132 -24.47 -11.65 5.30
C TYR B 132 -25.98 -11.44 5.16
N VAL B 133 -26.71 -11.62 6.26
CA VAL B 133 -28.14 -11.32 6.32
C VAL B 133 -28.38 -10.50 7.56
N SER B 134 -28.68 -9.21 7.39
CA SER B 134 -28.82 -8.28 8.50
C SER B 134 -30.20 -7.64 8.47
N TYR B 135 -30.99 -7.87 9.52
CA TYR B 135 -32.23 -7.15 9.73
C TYR B 135 -32.00 -5.98 10.69
N ASP B 136 -31.10 -5.09 10.28
CA ASP B 136 -30.68 -3.98 11.13
C ASP B 136 -31.87 -3.06 11.41
N VAL B 137 -31.96 -2.62 12.66
CA VAL B 137 -32.95 -1.66 13.10
C VAL B 137 -32.22 -0.54 13.81
N GLN B 138 -32.77 0.67 13.73
CA GLN B 138 -32.10 1.87 14.23
C GLN B 138 -33.05 2.66 15.14
N LYS B 139 -32.79 3.95 15.29
CA LYS B 139 -33.41 4.75 16.32
C LYS B 139 -34.93 4.85 16.16
N ARG B 140 -35.64 4.60 17.26
CA ARG B 140 -37.05 4.98 17.46
C ARG B 140 -37.98 4.27 16.49
N THR B 141 -37.92 2.95 16.40
CA THR B 141 -38.74 2.31 15.38
C THR B 141 -39.77 1.38 16.00
N ILE B 142 -40.69 0.94 15.14
CA ILE B 142 -41.78 0.06 15.53
C ILE B 142 -41.68 -1.18 14.66
N TYR B 143 -41.32 -2.30 15.28
CA TYR B 143 -41.11 -3.58 14.62
C TYR B 143 -42.20 -4.48 15.18
N LEU B 144 -43.37 -4.47 14.54
CA LEU B 144 -44.61 -4.81 15.23
C LEU B 144 -45.06 -6.25 15.00
N ASN B 145 -45.39 -6.62 13.77
CA ASN B 145 -45.89 -7.97 13.50
C ASN B 145 -45.25 -8.54 12.23
N ILE B 146 -43.93 -8.53 12.16
CA ILE B 146 -43.23 -9.09 11.02
C ILE B 146 -43.01 -10.58 11.24
N THR B 147 -42.89 -11.33 10.15
CA THR B 147 -42.86 -12.79 10.14
C THR B 147 -41.61 -13.29 9.41
N ASN B 148 -40.45 -12.81 9.87
CA ASN B 148 -39.19 -13.09 9.20
C ASN B 148 -38.96 -14.59 9.06
N THR B 149 -38.45 -14.99 7.90
CA THR B 149 -38.19 -16.39 7.60
C THR B 149 -36.98 -16.49 6.70
N LEU B 150 -36.09 -17.45 6.98
CA LEU B 150 -34.85 -17.61 6.23
C LEU B 150 -34.68 -19.06 5.81
N ASN B 151 -33.90 -19.26 4.74
CA ASN B 151 -33.53 -20.60 4.29
C ASN B 151 -32.25 -20.44 3.47
N ILE B 152 -31.12 -20.78 4.07
CA ILE B 152 -29.81 -20.42 3.53
C ILE B 152 -28.97 -21.67 3.33
N THR B 153 -28.34 -21.78 2.16
CA THR B 153 -27.34 -22.81 1.87
C THR B 153 -26.15 -22.13 1.22
N ASN B 154 -25.01 -22.15 1.90
CA ASN B 154 -23.86 -21.32 1.53
C ASN B 154 -22.59 -22.16 1.49
N ASN B 155 -22.65 -23.29 0.79
CA ASN B 155 -21.47 -24.15 0.68
C ASN B 155 -20.36 -23.45 -0.10
N ASN B 156 -19.15 -23.45 0.47
CA ASN B 156 -17.99 -22.81 -0.13
C ASN B 156 -16.86 -23.83 -0.21
N TYR B 157 -16.21 -23.90 -1.37
CA TYR B 157 -15.11 -24.83 -1.61
C TYR B 157 -13.90 -24.05 -2.09
N TYR B 158 -12.84 -24.04 -1.29
CA TYR B 158 -11.59 -23.39 -1.66
C TYR B 158 -10.52 -24.45 -1.89
N SER B 159 -9.86 -24.37 -3.04
CA SER B 159 -8.73 -25.22 -3.40
C SER B 159 -7.55 -24.36 -3.79
N VAL B 160 -7.24 -23.36 -2.94
CA VAL B 160 -6.41 -22.24 -3.33
C VAL B 160 -4.94 -22.65 -3.46
N GLU B 161 -4.34 -22.24 -4.58
CA GLU B 161 -2.95 -22.50 -5.00
C GLU B 161 -2.40 -23.82 -4.47
N VAL B 162 -3.02 -24.92 -4.89
CA VAL B 162 -2.46 -26.26 -4.70
C VAL B 162 -1.48 -26.53 -5.83
N GLU B 163 -0.32 -27.08 -5.49
CA GLU B 163 0.73 -27.31 -6.47
C GLU B 163 0.71 -28.76 -6.94
N ASN B 164 1.37 -28.97 -8.09
CA ASN B 164 1.48 -30.29 -8.70
C ASN B 164 2.82 -30.30 -9.43
N ILE B 165 3.86 -30.74 -8.73
CA ILE B 165 5.23 -30.58 -9.21
C ILE B 165 5.95 -31.92 -9.18
N THR B 166 6.73 -32.17 -10.24
CA THR B 166 7.57 -33.36 -10.33
C THR B 166 9.04 -33.07 -10.03
N ALA B 167 9.53 -31.90 -10.45
CA ALA B 167 10.91 -31.54 -10.19
C ALA B 167 11.05 -30.03 -10.10
N GLN B 168 12.10 -29.59 -9.42
CA GLN B 168 12.41 -28.18 -9.28
C GLN B 168 13.85 -28.01 -8.82
N VAL B 169 14.60 -27.14 -9.48
CA VAL B 169 16.01 -26.94 -9.20
C VAL B 169 16.32 -25.45 -9.20
N GLN B 170 17.04 -25.00 -8.18
CA GLN B 170 17.54 -23.63 -8.09
C GLN B 170 19.07 -23.70 -8.04
N PHE B 171 19.70 -23.46 -9.18
CA PHE B 171 21.14 -23.63 -9.33
C PHE B 171 21.82 -22.27 -9.44
N SER B 172 22.94 -22.13 -8.75
CA SER B 172 23.73 -20.90 -8.81
C SER B 172 25.19 -21.25 -8.56
N LYS B 173 26.04 -21.03 -9.57
CA LYS B 173 27.44 -21.37 -9.48
C LYS B 173 28.28 -20.18 -9.91
N THR B 174 29.41 -19.99 -9.22
CA THR B 174 30.35 -18.92 -9.56
C THR B 174 31.74 -19.52 -9.60
N VAL B 175 32.30 -19.65 -10.80
CA VAL B 175 33.60 -20.27 -11.00
C VAL B 175 34.62 -19.19 -11.32
N ILE B 176 35.71 -19.17 -10.54
CA ILE B 176 36.83 -18.26 -10.77
C ILE B 176 38.07 -19.09 -11.02
N GLY B 177 39.13 -18.45 -11.50
CA GLY B 177 40.39 -19.15 -11.69
C GLY B 177 41.34 -18.42 -12.61
N LYS B 178 42.62 -18.35 -12.23
CA LYS B 178 43.63 -17.59 -12.96
C LYS B 178 43.16 -16.16 -13.22
N ALA B 179 42.27 -15.66 -12.37
CA ALA B 179 41.61 -14.38 -12.58
C ALA B 179 42.21 -13.34 -11.65
N ARG B 180 42.62 -12.20 -12.21
CA ARG B 180 43.17 -11.10 -11.45
C ARG B 180 42.26 -9.89 -11.49
N LEU B 181 41.79 -9.49 -10.31
CA LEU B 181 40.70 -8.51 -10.16
C LEU B 181 41.20 -7.37 -9.29
N ASN B 182 40.98 -6.13 -9.76
CA ASN B 182 41.31 -4.95 -8.98
C ASN B 182 40.13 -4.52 -8.14
N ASN B 183 40.11 -3.27 -7.69
CA ASN B 183 39.05 -2.71 -6.87
C ASN B 183 37.68 -3.13 -7.36
N ILE B 184 36.87 -3.68 -6.47
CA ILE B 184 35.51 -4.07 -6.81
C ILE B 184 34.58 -3.61 -5.69
N THR B 185 33.49 -2.95 -6.05
CA THR B 185 32.53 -2.45 -5.09
C THR B 185 31.11 -2.66 -5.61
N ILE B 186 30.33 -3.48 -4.90
CA ILE B 186 28.94 -3.74 -5.21
C ILE B 186 28.13 -3.35 -3.97
N ILE B 187 27.47 -2.19 -4.02
CA ILE B 187 26.91 -1.67 -2.78
C ILE B 187 25.41 -1.94 -2.78
N GLY B 188 24.81 -1.92 -1.59
CA GLY B 188 23.50 -2.48 -1.37
C GLY B 188 22.38 -1.66 -1.99
N PRO B 189 21.15 -2.14 -1.81
CA PRO B 189 20.03 -1.53 -2.54
C PRO B 189 19.52 -0.21 -2.02
N LEU B 190 20.15 0.37 -0.99
CA LEU B 190 19.94 1.79 -0.66
C LEU B 190 21.06 2.27 0.25
N ASP B 191 21.83 3.23 -0.25
CA ASP B 191 22.90 3.86 0.50
C ASP B 191 22.51 5.31 0.79
N MET B 192 22.88 5.77 1.99
CA MET B 192 22.67 7.17 2.37
C MET B 192 24.04 7.76 2.69
N LYS B 193 24.39 8.84 2.01
CA LYS B 193 25.71 9.44 2.15
C LYS B 193 25.59 10.95 2.28
N GLN B 194 26.21 11.50 3.32
CA GLN B 194 26.29 12.95 3.53
C GLN B 194 24.92 13.62 3.47
N ILE B 195 23.97 13.10 4.22
CA ILE B 195 22.64 13.70 4.28
C ILE B 195 22.56 14.59 5.52
N ASP B 196 22.39 15.89 5.30
CA ASP B 196 22.37 16.87 6.39
C ASP B 196 20.98 17.44 6.54
N TYR B 197 20.42 17.33 7.74
CA TYR B 197 19.20 18.03 8.10
C TYR B 197 19.58 19.18 9.02
N THR B 198 19.26 20.40 8.59
CA THR B 198 19.79 21.63 9.17
C THR B 198 18.67 22.61 9.43
N VAL B 199 17.71 22.21 10.25
CA VAL B 199 16.55 23.05 10.56
C VAL B 199 16.67 23.67 11.95
N PRO B 200 17.25 24.88 12.07
CA PRO B 200 17.11 25.63 13.32
C PRO B 200 15.66 26.05 13.58
N THR B 201 15.45 26.65 14.75
CA THR B 201 14.16 27.26 15.07
C THR B 201 14.45 28.31 16.16
N VAL B 202 14.51 29.57 15.75
CA VAL B 202 14.88 30.67 16.64
C VAL B 202 13.67 31.57 16.84
N ILE B 203 13.29 31.77 18.10
CA ILE B 203 12.17 32.64 18.45
C ILE B 203 12.72 33.73 19.35
N ALA B 204 12.52 34.98 18.96
CA ALA B 204 12.88 36.14 19.77
C ALA B 204 11.62 36.93 20.07
N GLU B 205 11.44 37.32 21.32
CA GLU B 205 10.20 37.96 21.75
C GLU B 205 10.48 38.94 22.88
N GLU B 206 10.45 40.24 22.55
CA GLU B 206 10.60 41.29 23.55
C GLU B 206 9.26 41.96 23.78
N MET B 207 8.75 41.88 25.00
CA MET B 207 7.53 42.57 25.43
C MET B 207 6.35 42.25 24.52
N SER B 208 6.21 40.97 24.16
CA SER B 208 5.21 40.57 23.18
C SER B 208 4.40 39.40 23.70
N TYR B 209 3.30 39.11 23.01
CA TYR B 209 2.40 38.04 23.37
C TYR B 209 2.43 36.99 22.26
N MET B 210 2.62 35.73 22.63
CA MET B 210 2.70 34.63 21.67
C MET B 210 1.82 33.48 22.15
N TYR B 211 1.13 32.85 21.19
CA TYR B 211 0.18 31.78 21.48
C TYR B 211 0.38 30.69 20.44
N ASP B 212 0.86 29.52 20.86
CA ASP B 212 1.07 28.39 19.97
C ASP B 212 0.17 27.25 20.42
N PHE B 213 -0.67 26.76 19.51
CA PHE B 213 -1.50 25.59 19.76
C PHE B 213 -1.61 24.76 18.49
N CYS B 214 -1.50 23.44 18.66
CA CYS B 214 -1.32 22.51 17.55
C CYS B 214 -0.11 22.89 16.71
N THR B 215 0.97 23.27 17.40
CA THR B 215 2.23 23.60 16.77
C THR B 215 3.15 22.39 16.86
N LEU B 216 3.63 21.92 15.71
CA LEU B 216 4.48 20.75 15.69
C LEU B 216 5.45 20.82 14.52
N ILE B 217 6.69 20.45 14.78
CA ILE B 217 7.73 20.34 13.75
C ILE B 217 8.18 18.90 13.69
N SER B 218 7.97 18.25 12.55
CA SER B 218 8.29 16.84 12.38
C SER B 218 9.43 16.71 11.39
N ILE B 219 10.32 15.76 11.64
CA ILE B 219 11.41 15.48 10.71
C ILE B 219 11.06 14.10 10.14
N LYS B 220 11.92 13.54 9.28
CA LYS B 220 11.73 12.22 8.69
C LYS B 220 11.01 11.27 9.64
N VAL B 221 9.93 10.66 9.16
CA VAL B 221 9.07 9.81 9.97
C VAL B 221 8.28 8.88 9.06
N HIS B 222 8.19 7.62 9.47
CA HIS B 222 7.48 6.60 8.73
C HIS B 222 6.48 5.91 9.65
N ASN B 223 5.42 5.39 9.04
CA ASN B 223 4.40 4.60 9.74
C ASN B 223 4.45 3.14 9.37
N ILE B 224 4.49 2.84 8.07
CA ILE B 224 4.53 1.47 7.56
C ILE B 224 5.83 1.30 6.78
N VAL B 225 6.64 0.33 7.17
CA VAL B 225 7.87 0.01 6.46
C VAL B 225 7.95 -1.50 6.31
N LEU B 226 7.70 -1.98 5.10
CA LEU B 226 7.71 -3.40 4.78
C LEU B 226 8.64 -3.63 3.60
N MET B 227 9.57 -4.57 3.74
CA MET B 227 10.51 -4.90 2.69
C MET B 227 10.67 -6.41 2.61
N MET B 228 10.65 -6.95 1.40
CA MET B 228 10.94 -8.36 1.16
C MET B 228 11.86 -8.49 -0.03
N GLN B 229 12.78 -9.45 0.04
CA GLN B 229 13.76 -9.72 -1.02
C GLN B 229 14.54 -8.47 -1.38
N VAL B 230 15.03 -7.78 -0.35
CA VAL B 230 15.90 -6.62 -0.56
C VAL B 230 17.35 -7.09 -0.39
N THR B 231 17.97 -7.49 -1.49
CA THR B 231 19.30 -8.09 -1.48
C THR B 231 20.07 -7.54 -2.68
N VAL B 232 21.12 -8.25 -3.08
CA VAL B 232 21.73 -8.01 -4.38
C VAL B 232 21.42 -9.15 -5.34
N THR B 233 21.64 -10.40 -4.92
CA THR B 233 21.29 -11.56 -5.74
C THR B 233 20.23 -12.39 -5.02
N THR B 234 19.20 -12.76 -5.77
CA THR B 234 18.06 -13.49 -5.21
C THR B 234 17.50 -14.43 -6.25
N THR B 235 17.18 -15.64 -5.82
CA THR B 235 16.45 -16.61 -6.64
C THR B 235 15.18 -16.97 -5.87
N TYR B 236 14.04 -16.85 -6.53
CA TYR B 236 12.75 -16.99 -5.86
C TYR B 236 12.03 -18.23 -6.38
N PHE B 237 11.13 -18.77 -5.58
CA PHE B 237 10.08 -19.67 -6.04
C PHE B 237 9.02 -19.74 -4.95
N GLY B 238 7.83 -19.24 -5.27
CA GLY B 238 6.76 -19.27 -4.29
C GLY B 238 5.64 -18.28 -4.54
N HIS B 239 5.21 -17.60 -3.49
CA HIS B 239 4.03 -16.75 -3.55
C HIS B 239 4.15 -15.74 -2.43
N SER B 240 4.32 -14.47 -2.79
CA SER B 240 4.60 -13.41 -1.82
C SER B 240 3.50 -12.35 -1.89
N GLU B 241 3.03 -11.91 -0.72
CA GLU B 241 1.97 -10.93 -0.64
C GLU B 241 2.31 -9.87 0.41
N GLN B 242 1.77 -8.68 0.21
CA GLN B 242 1.81 -7.62 1.23
C GLN B 242 0.46 -6.94 1.22
N ILE B 243 -0.24 -6.98 2.34
CA ILE B 243 -1.56 -6.37 2.48
C ILE B 243 -1.51 -5.35 3.60
N SER B 244 -2.02 -4.15 3.33
CA SER B 244 -2.04 -3.08 4.33
C SER B 244 -3.42 -2.43 4.31
N GLN B 245 -4.11 -2.48 5.45
CA GLN B 245 -5.42 -1.88 5.61
C GLN B 245 -5.40 -1.04 6.87
N GLU B 246 -5.79 0.23 6.77
CA GLU B 246 -5.74 1.10 7.93
C GLU B 246 -6.84 2.14 7.83
N ARG B 247 -6.84 3.05 8.81
CA ARG B 247 -7.64 4.27 8.79
C ARG B 247 -6.69 5.37 9.29
N TYR B 248 -5.97 5.97 8.35
CA TYR B 248 -4.91 6.90 8.69
C TYR B 248 -5.49 8.23 9.15
N GLN B 249 -4.88 8.80 10.18
CA GLN B 249 -5.30 10.11 10.68
C GLN B 249 -4.08 10.73 11.37
N TYR B 250 -3.43 11.66 10.68
CA TYR B 250 -2.17 12.20 11.19
C TYR B 250 -2.41 13.30 12.23
N VAL B 251 -3.04 14.40 11.82
CA VAL B 251 -3.26 15.54 12.71
C VAL B 251 -4.75 15.81 12.80
N ASP B 252 -5.28 15.80 14.02
CA ASP B 252 -6.67 16.13 14.29
C ASP B 252 -6.74 16.94 15.59
N CYS B 253 -6.62 18.26 15.46
CA CYS B 253 -6.63 19.15 16.62
C CYS B 253 -7.76 20.17 16.47
N GLY B 254 -8.87 19.90 17.14
CA GLY B 254 -10.02 20.80 17.11
C GLY B 254 -11.30 20.15 17.63
N SER C 120 -8.29 -8.36 -9.96
CA SER C 120 -8.05 -8.60 -11.37
C SER C 120 -9.32 -9.04 -12.09
N ILE C 121 -10.29 -9.54 -11.32
CA ILE C 121 -11.52 -10.08 -11.88
C ILE C 121 -12.73 -9.25 -11.46
N ASP C 122 -12.86 -8.97 -10.17
CA ASP C 122 -14.06 -8.32 -9.64
C ASP C 122 -13.66 -7.19 -8.70
N VAL C 123 -12.82 -6.28 -9.20
CA VAL C 123 -12.40 -5.13 -8.42
C VAL C 123 -13.47 -4.06 -8.47
N LYS C 124 -13.95 -3.62 -7.31
CA LYS C 124 -14.95 -2.57 -7.24
C LYS C 124 -14.60 -1.58 -6.15
N TYR C 125 -15.03 -0.34 -6.35
CA TYR C 125 -14.95 0.72 -5.35
C TYR C 125 -16.36 1.20 -5.06
N ILE C 126 -16.81 0.99 -3.81
CA ILE C 126 -18.17 1.31 -3.41
C ILE C 126 -18.13 2.52 -2.49
N GLY C 127 -18.98 3.50 -2.76
CA GLY C 127 -18.94 4.73 -1.98
C GLY C 127 -19.59 4.59 -0.62
N VAL C 128 -20.85 4.17 -0.59
CA VAL C 128 -21.58 4.09 0.68
C VAL C 128 -22.13 2.69 0.90
N LYS C 129 -22.99 2.23 0.00
CA LYS C 129 -23.75 1.00 0.19
C LYS C 129 -23.47 0.02 -0.94
N SER C 130 -23.25 -1.24 -0.56
CA SER C 130 -23.11 -2.34 -1.53
C SER C 130 -23.92 -3.51 -1.01
N ALA C 131 -24.77 -4.07 -1.85
CA ALA C 131 -25.62 -5.18 -1.45
C ALA C 131 -26.02 -5.99 -2.67
N TYR C 132 -26.45 -7.23 -2.42
CA TYR C 132 -26.99 -8.07 -3.48
C TYR C 132 -28.50 -7.88 -3.62
N VAL C 133 -29.24 -8.07 -2.54
CA VAL C 133 -30.67 -7.78 -2.48
C VAL C 133 -30.93 -6.97 -1.23
N SER C 134 -31.25 -5.69 -1.40
CA SER C 134 -31.39 -4.75 -0.28
C SER C 134 -32.79 -4.14 -0.32
N TYR C 135 -33.57 -4.38 0.71
CA TYR C 135 -34.83 -3.66 0.92
C TYR C 135 -34.62 -2.51 1.89
N ASP C 136 -33.73 -1.60 1.50
CA ASP C 136 -33.33 -0.49 2.35
C ASP C 136 -34.52 0.41 2.61
N VAL C 137 -34.63 0.85 3.87
CA VAL C 137 -35.64 1.79 4.32
C VAL C 137 -34.91 2.92 5.03
N GLN C 138 -35.47 4.13 4.95
CA GLN C 138 -34.83 5.33 5.47
C GLN C 138 -35.79 6.09 6.37
N LYS C 139 -35.55 7.39 6.53
CA LYS C 139 -36.18 8.19 7.55
C LYS C 139 -37.70 8.27 7.38
N ARG C 140 -38.42 8.01 8.48
CA ARG C 140 -39.82 8.38 8.68
C ARG C 140 -40.75 7.66 7.69
N THR C 141 -40.67 6.34 7.60
CA THR C 141 -41.48 5.69 6.57
C THR C 141 -42.51 4.75 7.17
N ILE C 142 -43.41 4.30 6.32
CA ILE C 142 -44.51 3.41 6.69
C ILE C 142 -44.37 2.17 5.81
N TYR C 143 -44.01 1.05 6.44
CA TYR C 143 -43.78 -0.22 5.77
C TYR C 143 -44.87 -1.14 6.31
N LEU C 144 -46.03 -1.13 5.68
CA LEU C 144 -47.27 -1.49 6.36
C LEU C 144 -47.70 -2.93 6.12
N ASN C 145 -48.03 -3.30 4.88
CA ASN C 145 -48.51 -4.65 4.59
C ASN C 145 -47.85 -5.21 3.33
N ILE C 146 -46.52 -5.18 3.27
CA ILE C 146 -45.82 -5.74 2.12
C ILE C 146 -45.58 -7.22 2.34
N THR C 147 -45.44 -7.97 1.25
CA THR C 147 -45.40 -9.42 1.24
C THR C 147 -44.14 -9.90 0.52
N ASN C 148 -42.99 -9.42 0.98
CA ASN C 148 -41.72 -9.68 0.32
C ASN C 148 -41.48 -11.17 0.17
N THR C 149 -40.95 -11.58 -0.98
CA THR C 149 -40.68 -12.97 -1.29
C THR C 149 -39.46 -13.05 -2.20
N LEU C 150 -38.57 -13.99 -1.91
CA LEU C 150 -37.32 -14.14 -2.65
C LEU C 150 -37.14 -15.59 -3.07
N ASN C 151 -36.35 -15.77 -4.14
CA ASN C 151 -35.95 -17.11 -4.59
C ASN C 151 -34.66 -16.93 -5.40
N ILE C 152 -33.53 -17.26 -4.79
CA ILE C 152 -32.22 -16.88 -5.32
C ILE C 152 -31.37 -18.13 -5.52
N THR C 153 -30.73 -18.23 -6.69
CA THR C 153 -29.72 -19.24 -6.98
C THR C 153 -28.53 -18.55 -7.62
N ASN C 154 -27.39 -18.54 -6.93
CA ASN C 154 -26.26 -17.71 -7.28
C ASN C 154 -24.98 -18.54 -7.32
N ASN C 155 -25.01 -19.66 -8.03
CA ASN C 155 -23.82 -20.50 -8.13
C ASN C 155 -22.72 -19.79 -8.90
N ASN C 156 -21.52 -19.78 -8.32
CA ASN C 156 -20.36 -19.14 -8.91
C ASN C 156 -19.22 -20.13 -9.00
N TYR C 157 -18.55 -20.20 -10.14
CA TYR C 157 -17.45 -21.11 -10.37
C TYR C 157 -16.24 -20.32 -10.85
N TYR C 158 -15.18 -20.30 -10.04
CA TYR C 158 -13.94 -19.64 -10.40
C TYR C 158 -12.85 -20.68 -10.63
N SER C 159 -12.19 -20.59 -11.77
CA SER C 159 -11.04 -21.43 -12.13
C SER C 159 -9.87 -20.54 -12.50
N VAL C 160 -9.59 -19.56 -11.65
CA VAL C 160 -8.76 -18.43 -12.04
C VAL C 160 -7.29 -18.83 -12.15
N GLU C 161 -6.68 -18.40 -13.27
CA GLU C 161 -5.29 -18.63 -13.67
C GLU C 161 -4.73 -19.96 -13.15
N VAL C 162 -5.34 -21.06 -13.58
CA VAL C 162 -4.76 -22.39 -13.38
C VAL C 162 -3.77 -22.65 -14.51
N GLU C 163 -2.60 -23.19 -14.17
CA GLU C 163 -1.55 -23.40 -15.15
C GLU C 163 -1.55 -24.84 -15.63
N ASN C 164 -0.89 -25.05 -16.76
CA ASN C 164 -0.76 -26.37 -17.39
C ASN C 164 0.60 -26.36 -18.11
N ILE C 165 1.64 -26.78 -17.40
CA ILE C 165 3.01 -26.60 -17.87
C ILE C 165 3.74 -27.94 -17.85
N THR C 166 4.53 -28.19 -18.89
CA THR C 166 5.38 -29.36 -18.98
C THR C 166 6.84 -29.05 -18.68
N ALA C 167 7.34 -27.88 -19.09
CA ALA C 167 8.71 -27.50 -18.81
C ALA C 167 8.82 -25.99 -18.72
N GLN C 168 9.86 -25.54 -18.03
CA GLN C 168 10.17 -24.12 -17.88
C GLN C 168 11.60 -23.95 -17.42
N VAL C 169 12.34 -23.06 -18.07
CA VAL C 169 13.76 -22.86 -17.77
C VAL C 169 14.04 -21.36 -17.76
N GLN C 170 14.75 -20.91 -16.73
CA GLN C 170 15.24 -19.53 -16.63
C GLN C 170 16.76 -19.59 -16.58
N PHE C 171 17.40 -19.34 -17.71
CA PHE C 171 18.84 -19.49 -17.85
C PHE C 171 19.51 -18.13 -17.95
N SER C 172 20.63 -17.97 -17.25
CA SER C 172 21.40 -16.74 -17.30
C SER C 172 22.86 -17.07 -17.04
N LYS C 173 23.71 -16.83 -18.04
CA LYS C 173 25.13 -17.15 -17.95
C LYS C 173 25.95 -15.96 -18.37
N THR C 174 27.07 -15.76 -17.67
CA THR C 174 27.99 -14.68 -17.99
C THR C 174 29.40 -15.27 -18.02
N VAL C 175 29.97 -15.38 -19.23
CA VAL C 175 31.28 -15.99 -19.42
C VAL C 175 32.29 -14.90 -19.72
N ILE C 176 33.37 -14.87 -18.94
CA ILE C 176 34.47 -13.93 -19.16
C ILE C 176 35.73 -14.76 -19.40
N GLY C 177 36.78 -14.10 -19.87
CA GLY C 177 38.06 -14.78 -20.05
C GLY C 177 39.01 -14.05 -20.97
N LYS C 178 40.28 -13.97 -20.57
CA LYS C 178 41.29 -13.18 -21.29
C LYS C 178 40.80 -11.76 -21.56
N ALA C 179 39.89 -11.27 -20.72
CA ALA C 179 39.23 -9.99 -20.92
C ALA C 179 39.81 -8.96 -19.97
N ARG C 180 40.21 -7.82 -20.53
CA ARG C 180 40.75 -6.71 -19.76
C ARG C 180 39.83 -5.50 -19.80
N LEU C 181 39.33 -5.12 -18.62
CA LEU C 181 38.25 -4.16 -18.47
C LEU C 181 38.72 -3.01 -17.59
N ASN C 182 38.50 -1.78 -18.05
CA ASN C 182 38.81 -0.58 -17.28
C ASN C 182 37.61 -0.18 -16.44
N ASN C 183 37.59 1.07 -15.98
CA ASN C 183 36.51 1.61 -15.16
C ASN C 183 35.15 1.18 -15.68
N ILE C 184 34.34 0.60 -14.79
CA ILE C 184 32.98 0.22 -15.14
C ILE C 184 32.05 0.67 -14.01
N THR C 185 30.94 1.30 -14.38
CA THR C 185 29.96 1.79 -13.43
C THR C 185 28.56 1.57 -13.96
N ILE C 186 27.79 0.74 -13.26
CA ILE C 186 26.39 0.46 -13.58
C ILE C 186 25.59 0.84 -12.35
N ILE C 187 24.90 1.99 -12.40
CA ILE C 187 24.32 2.51 -11.16
C ILE C 187 22.83 2.21 -11.17
N GLY C 188 22.23 2.22 -9.99
CA GLY C 188 20.92 1.65 -9.79
C GLY C 188 19.80 2.46 -10.39
N PRO C 189 18.56 1.97 -10.23
CA PRO C 189 17.45 2.56 -10.97
C PRO C 189 16.92 3.88 -10.43
N LEU C 190 17.53 4.47 -9.40
CA LEU C 190 17.31 5.87 -9.07
C LEU C 190 18.41 6.37 -8.15
N ASP C 191 19.18 7.34 -8.64
CA ASP C 191 20.23 7.98 -7.88
C ASP C 191 19.84 9.42 -7.58
N MET C 192 20.19 9.88 -6.39
CA MET C 192 19.97 11.26 -6.00
C MET C 192 21.32 11.88 -5.67
N LYS C 193 21.67 12.97 -6.34
CA LYS C 193 22.97 13.58 -6.19
C LYS C 193 22.83 15.08 -6.05
N GLN C 194 23.45 15.64 -5.01
CA GLN C 194 23.52 17.08 -4.78
C GLN C 194 22.14 17.74 -4.86
N ILE C 195 21.18 17.21 -4.11
CA ILE C 195 19.85 17.79 -4.05
C ILE C 195 19.75 18.68 -2.81
N ASP C 196 19.56 19.98 -3.03
CA ASP C 196 19.54 20.95 -1.93
C ASP C 196 18.13 21.50 -1.79
N TYR C 197 17.57 21.38 -0.60
CA TYR C 197 16.33 22.06 -0.24
C TYR C 197 16.69 23.22 0.68
N THR C 198 16.37 24.43 0.26
CA THR C 198 16.88 25.66 0.85
C THR C 198 15.76 26.64 1.11
N VAL C 199 14.78 26.22 1.92
CA VAL C 199 13.61 27.04 2.23
C VAL C 199 13.72 27.67 3.62
N PRO C 200 14.29 28.88 3.75
CA PRO C 200 14.12 29.62 5.01
C PRO C 200 12.67 30.02 5.25
N THR C 201 12.44 30.61 6.42
CA THR C 201 11.15 31.21 6.74
C THR C 201 11.41 32.24 7.83
N VAL C 202 11.46 33.52 7.43
CA VAL C 202 11.82 34.61 8.33
C VAL C 202 10.60 35.49 8.53
N ILE C 203 10.20 35.69 9.78
CA ILE C 203 9.08 36.55 10.13
C ILE C 203 9.62 37.64 11.04
N ALA C 204 9.40 38.90 10.65
CA ALA C 204 9.74 40.05 11.47
C ALA C 204 8.47 40.83 11.77
N GLU C 205 8.28 41.21 13.02
CA GLU C 205 7.02 41.83 13.44
C GLU C 205 7.29 42.81 14.56
N GLU C 206 7.25 44.11 14.25
CA GLU C 206 7.38 45.17 15.26
C GLU C 206 6.03 45.81 15.48
N MET C 207 5.52 45.72 16.71
CA MET C 207 4.29 46.40 17.12
C MET C 207 3.11 46.07 16.20
N SER C 208 2.99 44.79 15.84
CA SER C 208 2.00 44.39 14.85
C SER C 208 1.20 43.21 15.37
N TYR C 209 0.10 42.91 14.66
CA TYR C 209 -0.79 41.82 15.01
C TYR C 209 -0.73 40.79 13.89
N MET C 210 -0.53 39.52 14.26
CA MET C 210 -0.43 38.43 13.30
C MET C 210 -1.30 37.27 13.75
N TYR C 211 -1.98 36.63 12.80
CA TYR C 211 -2.92 35.55 13.08
C TYR C 211 -2.70 34.46 12.03
N ASP C 212 -2.21 33.30 12.45
CA ASP C 212 -1.98 32.17 11.56
C ASP C 212 -2.87 31.02 12.00
N PHE C 213 -3.71 30.53 11.08
CA PHE C 213 -4.52 29.35 11.32
C PHE C 213 -4.62 28.53 10.05
N CYS C 214 -4.49 27.20 10.20
CA CYS C 214 -4.30 26.28 9.09
C CYS C 214 -3.08 26.68 8.27
N THR C 215 -2.01 27.07 8.96
CA THR C 215 -0.75 27.41 8.34
C THR C 215 0.19 26.22 8.44
N LEU C 216 0.68 25.76 7.28
CA LEU C 216 1.54 24.59 7.26
C LEU C 216 2.50 24.68 6.10
N ILE C 217 3.76 24.32 6.36
CA ILE C 217 4.79 24.23 5.34
C ILE C 217 5.27 22.79 5.28
N SER C 218 5.07 22.15 4.14
CA SER C 218 5.41 20.75 3.95
C SER C 218 6.56 20.63 2.97
N ILE C 219 7.45 19.68 3.23
CA ILE C 219 8.55 19.42 2.31
C ILE C 219 8.22 18.05 1.72
N LYS C 220 9.09 17.49 0.88
CA LYS C 220 8.92 16.18 0.27
C LYS C 220 8.20 15.21 1.21
N VAL C 221 7.14 14.59 0.72
CA VAL C 221 6.28 13.73 1.53
C VAL C 221 5.51 12.80 0.61
N HIS C 222 5.43 11.53 1.01
CA HIS C 222 4.73 10.51 0.25
C HIS C 222 3.73 9.80 1.16
N ASN C 223 2.69 9.27 0.55
CA ASN C 223 1.68 8.48 1.24
C ASN C 223 1.73 7.01 0.86
N ILE C 224 1.79 6.72 -0.44
CA ILE C 224 1.85 5.36 -0.95
C ILE C 224 3.15 5.20 -1.72
N VAL C 225 3.97 4.24 -1.34
CA VAL C 225 5.21 3.93 -2.04
C VAL C 225 5.30 2.43 -2.20
N LEU C 226 5.07 1.95 -3.42
CA LEU C 226 5.10 0.52 -3.74
C LEU C 226 6.04 0.32 -4.92
N MET C 227 6.97 -0.62 -4.77
CA MET C 227 7.93 -0.93 -5.82
C MET C 227 8.12 -2.44 -5.90
N MET C 228 8.11 -2.98 -7.11
CA MET C 228 8.40 -4.38 -7.36
C MET C 228 9.34 -4.49 -8.54
N GLN C 229 10.27 -5.44 -8.46
CA GLN C 229 11.25 -5.70 -9.52
C GLN C 229 12.02 -4.43 -9.87
N VAL C 230 12.51 -3.74 -8.84
CA VAL C 230 13.37 -2.58 -9.03
C VAL C 230 14.81 -3.03 -8.86
N THR C 231 15.45 -3.42 -9.97
CA THR C 231 16.79 -4.01 -9.94
C THR C 231 17.56 -3.45 -11.13
N VAL C 232 18.61 -4.13 -11.53
CA VAL C 232 19.23 -3.89 -12.83
C VAL C 232 18.94 -5.03 -13.80
N THR C 233 19.17 -6.27 -13.38
CA THR C 233 18.84 -7.43 -14.20
C THR C 233 17.79 -8.27 -13.50
N THR C 234 16.76 -8.66 -14.25
CA THR C 234 15.63 -9.38 -13.70
C THR C 234 15.08 -10.34 -14.75
N THR C 235 14.77 -11.56 -14.33
CA THR C 235 14.06 -12.53 -15.15
C THR C 235 12.79 -12.91 -14.40
N TYR C 236 11.64 -12.79 -15.06
CA TYR C 236 10.35 -12.96 -14.40
C TYR C 236 9.66 -14.20 -14.94
N PHE C 237 8.75 -14.75 -14.14
CA PHE C 237 7.72 -15.66 -14.61
C PHE C 237 6.65 -15.74 -13.53
N GLY C 238 5.45 -15.27 -13.86
CA GLY C 238 4.38 -15.31 -12.89
C GLY C 238 3.25 -14.33 -13.14
N HIS C 239 2.81 -13.66 -12.09
CA HIS C 239 1.62 -12.82 -12.16
C HIS C 239 1.72 -11.81 -11.02
N SER C 240 1.88 -10.53 -11.37
CA SER C 240 2.13 -9.48 -10.41
C SER C 240 1.03 -8.43 -10.48
N GLU C 241 0.55 -8.01 -9.31
CA GLU C 241 -0.51 -7.03 -9.23
C GLU C 241 -0.20 -5.99 -8.17
N GLN C 242 -0.74 -4.79 -8.36
CA GLN C 242 -0.72 -3.74 -7.35
C GLN C 242 -2.08 -3.06 -7.37
N ILE C 243 -2.80 -3.12 -6.25
CA ILE C 243 -4.12 -2.52 -6.12
C ILE C 243 -4.09 -1.51 -4.98
N SER C 244 -4.61 -0.32 -5.25
CA SER C 244 -4.66 0.74 -4.25
C SER C 244 -6.03 1.39 -4.28
N GLN C 245 -6.73 1.31 -3.15
CA GLN C 245 -8.06 1.91 -2.99
C GLN C 245 -8.04 2.74 -1.72
N GLU C 246 -8.46 4.00 -1.82
CA GLU C 246 -8.42 4.87 -0.66
C GLU C 246 -9.53 5.90 -0.75
N ARG C 247 -9.55 6.80 0.22
CA ARG C 247 -10.35 8.02 0.20
C ARG C 247 -9.43 9.12 0.71
N TYR C 248 -8.71 9.73 -0.23
CA TYR C 248 -7.66 10.68 0.14
C TYR C 248 -8.25 12.00 0.59
N GLN C 249 -7.66 12.57 1.64
CA GLN C 249 -8.09 13.88 2.14
C GLN C 249 -6.89 14.51 2.84
N TYR C 250 -6.24 15.44 2.16
CA TYR C 250 -4.98 16.00 2.67
C TYR C 250 -5.25 17.08 3.71
N VAL C 251 -5.90 18.17 3.31
CA VAL C 251 -6.13 19.31 4.21
C VAL C 251 -7.62 19.57 4.29
N ASP C 252 -8.15 19.54 5.51
CA ASP C 252 -9.55 19.86 5.77
C ASP C 252 -9.64 20.67 7.06
N CYS C 253 -9.54 21.99 6.94
CA CYS C 253 -9.57 22.88 8.10
C CYS C 253 -10.71 23.88 7.95
N GLY C 254 -11.82 23.60 8.62
CA GLY C 254 -12.97 24.47 8.59
C GLY C 254 -14.24 23.81 9.09
C1 NAG D . -36.54 -23.06 -1.92
C2 NAG D . -37.72 -23.57 -2.74
C3 NAG D . -37.68 -25.10 -2.83
C4 NAG D . -36.32 -25.55 -3.37
C5 NAG D . -35.19 -24.95 -2.54
C6 NAG D . -33.82 -25.25 -3.09
C7 NAG D . -39.45 -23.42 -0.98
C8 NAG D . -40.79 -22.84 -0.62
N2 NAG D . -39.00 -23.12 -2.20
O3 NAG D . -38.71 -25.56 -3.70
O4 NAG D . -36.23 -26.98 -3.31
O5 NAG D . -35.32 -23.52 -2.50
O6 NAG D . -33.91 -25.91 -4.35
O7 NAG D . -38.81 -24.11 -0.19
C1 NAG E . -51.67 -6.97 9.03
C2 NAG E . -52.99 -7.75 9.02
C3 NAG E . -54.17 -6.79 9.16
C4 NAG E . -54.00 -5.93 10.39
C5 NAG E . -52.65 -5.21 10.35
C6 NAG E . -52.37 -4.42 11.61
C7 NAG E . -52.52 -9.75 7.67
C8 NAG E . -52.78 -10.48 6.39
N2 NAG E . -53.13 -8.57 7.83
O3 NAG E . -55.38 -7.55 9.26
O4 NAG E . -55.04 -4.95 10.44
O5 NAG E . -51.59 -6.17 10.22
O6 NAG E . -52.71 -3.05 11.45
O7 NAG E . -51.76 -10.21 8.54
C1 NAG F . -2.94 -31.49 -15.28
C2 NAG F . -2.38 -32.86 -14.89
C3 NAG F . -3.51 -33.84 -14.66
C4 NAG F . -4.36 -33.39 -13.48
C5 NAG F . -4.85 -31.95 -13.70
C6 NAG F . -4.38 -31.00 -12.62
C7 NAG F . -0.20 -33.70 -15.63
C8 NAG F . 0.59 -34.20 -16.80
N2 NAG F . -1.46 -33.35 -15.89
O3 NAG F . -2.97 -35.13 -14.40
O4 NAG F . -5.49 -34.24 -13.34
O5 NAG F . -4.39 -31.42 -14.96
O6 NAG F . -4.99 -29.73 -12.75
O7 NAG F . 0.27 -33.64 -14.50
C1 NAG G . 40.91 3.24 -11.37
C2 NAG G . 41.03 4.19 -10.19
C3 NAG G . 42.32 5.01 -10.30
C4 NAG G . 43.52 4.08 -10.47
C5 NAG G . 43.27 3.10 -11.63
C6 NAG G . 44.36 2.06 -11.78
C7 NAG G . 39.48 5.66 -8.97
C8 NAG G . 38.27 6.53 -9.05
N2 NAG G . 39.88 5.08 -10.10
O3 NAG G . 42.49 5.79 -9.12
O4 NAG G . 44.68 4.84 -10.76
O5 NAG G . 42.04 2.39 -11.41
O6 NAG G . 44.62 1.79 -13.14
O7 NAG G . 40.08 5.49 -7.90
C1 NAG H . -35.36 -24.82 2.53
C2 NAG H . -36.55 -25.33 1.71
C3 NAG H . -36.52 -26.85 1.62
C4 NAG H . -35.16 -27.32 1.09
C5 NAG H . -34.03 -26.70 1.91
C6 NAG H . -32.66 -27.02 1.35
C7 NAG H . -38.27 -25.16 3.48
C8 NAG H . -39.61 -24.57 3.83
N2 NAG H . -37.82 -24.87 2.25
O3 NAG H . -37.56 -27.30 0.76
O4 NAG H . -35.08 -28.73 1.14
O5 NAG H . -34.15 -25.28 1.94
O6 NAG H . -32.75 -27.69 0.10
O7 NAG H . -37.64 -25.85 4.27
C1 NAG I . -50.38 -8.62 13.48
C2 NAG I . -51.70 -9.40 13.49
C3 NAG I . -52.88 -8.44 13.62
C4 NAG I . -52.70 -7.56 14.85
C5 NAG I . -51.35 -6.85 14.81
C6 NAG I . -51.07 -6.07 16.07
C7 NAG I . -51.24 -11.40 12.14
C8 NAG I . -51.52 -12.13 10.87
N2 NAG I . -51.85 -10.22 12.29
O3 NAG I . -54.09 -9.19 13.73
O4 NAG I . -53.74 -6.58 14.90
O5 NAG I . -50.29 -7.82 14.67
O6 NAG I . -51.39 -4.69 15.89
O7 NAG I . -50.49 -11.86 12.99
C1 NAG J . -1.86 -33.45 -10.92
C2 NAG J . -1.30 -34.80 -10.52
C3 NAG J . -2.43 -35.80 -10.29
C4 NAG J . -3.28 -35.33 -9.11
C5 NAG J . -3.75 -33.89 -9.32
C6 NAG J . -3.28 -32.94 -8.25
C7 NAG J . 0.87 -35.68 -11.27
C8 NAG J . 1.67 -36.18 -12.44
N2 NAG J . -0.38 -35.32 -11.53
O3 NAG J . -1.90 -37.08 -10.03
O4 NAG J . -4.41 -36.18 -8.96
O5 NAG J . -3.30 -33.37 -10.59
O6 NAG J . -3.89 -31.67 -8.38
O7 NAG J . 1.35 -35.60 -10.15
C1 NAG K . 42.18 1.09 -7.23
C2 NAG K . 42.31 2.04 -6.05
C3 NAG K . 43.60 2.84 -6.17
C4 NAG K . 44.79 1.91 -6.35
C5 NAG K . 44.54 0.92 -7.49
C6 NAG K . 45.63 -0.12 -7.64
C7 NAG K . 40.77 3.51 -4.82
C8 NAG K . 39.57 4.39 -4.91
N2 NAG K . 41.16 2.92 -5.96
O3 NAG K . 43.79 3.63 -5.00
O4 NAG K . 45.96 2.66 -6.64
O5 NAG K . 43.32 0.21 -7.28
O6 NAG K . 45.88 -0.40 -9.01
O7 NAG K . 41.38 3.33 -3.77
C1 NAG L . -37.73 -21.34 -6.38
C2 NAG L . -38.90 -21.86 -7.21
C3 NAG L . -38.84 -23.38 -7.31
C4 NAG L . -37.48 -23.82 -7.83
C5 NAG L . -36.36 -23.21 -6.99
C6 NAG L . -34.99 -23.51 -7.56
C7 NAG L . -40.64 -21.71 -5.45
C8 NAG L . -41.98 -21.14 -5.10
N2 NAG L . -40.18 -21.41 -6.68
O3 NAG L . -39.88 -23.84 -8.18
O4 NAG L . -37.39 -25.24 -7.78
O5 NAG L . -36.50 -21.79 -6.97
O6 NAG L . -35.06 -24.17 -8.81
O7 NAG L . -40.00 -22.40 -4.66
C1 NAG M . -52.99 -5.36 4.54
C2 NAG M . -54.31 -6.15 4.54
C3 NAG M . -55.49 -5.20 4.66
C4 NAG M . -55.33 -4.33 5.91
C5 NAG M . -53.99 -3.60 5.87
C6 NAG M . -53.71 -2.82 7.14
C7 NAG M . -53.82 -8.14 3.19
C8 NAG M . -54.07 -8.86 1.90
N2 NAG M . -54.43 -6.97 3.34
O3 NAG M . -56.69 -5.96 4.76
O4 NAG M . -56.38 -3.36 5.96
O5 NAG M . -52.91 -4.56 5.74
O6 NAG M . -54.07 -1.45 6.97
O7 NAG M . -53.07 -8.59 4.05
C1 NAG N . -4.04 -29.54 -19.64
C2 NAG N . -3.46 -30.90 -19.24
C3 NAG N . -4.59 -31.90 -19.02
C4 NAG N . -5.44 -31.44 -17.85
C5 NAG N . -5.93 -30.02 -18.06
C6 NAG N . -5.48 -29.06 -16.98
C7 NAG N . -1.28 -31.74 -19.98
C8 NAG N . -0.47 -32.23 -21.15
N2 NAG N . -2.54 -31.39 -20.25
O3 NAG N . -4.04 -33.19 -18.76
O4 NAG N . -6.57 -32.30 -17.71
O5 NAG N . -5.49 -29.48 -19.32
O6 NAG N . -6.11 -27.79 -17.12
O7 NAG N . -0.81 -31.67 -18.86
C1 NAG O . 39.60 5.44 -15.49
C2 NAG O . 39.72 6.39 -14.30
C3 NAG O . 41.00 7.20 -14.41
C4 NAG O . 42.20 6.29 -14.59
C5 NAG O . 41.97 5.31 -15.74
C6 NAG O . 43.06 4.29 -15.88
C7 NAG O . 38.16 7.84 -13.08
C8 NAG O . 36.94 8.70 -13.18
N2 NAG O . 38.55 7.26 -14.22
O3 NAG O . 41.16 7.99 -13.23
O4 NAG O . 43.36 7.06 -14.87
O5 NAG O . 40.74 4.58 -15.54
O6 NAG O . 43.33 4.00 -17.25
O7 NAG O . 38.75 7.67 -12.03
#